data_7S7R
#
_entry.id   7S7R
#
_cell.length_a   50.931
_cell.length_b   50.931
_cell.length_c   322.764
_cell.angle_alpha   90.000
_cell.angle_beta   90.000
_cell.angle_gamma   120.000
#
_symmetry.space_group_name_H-M   'P 32 2 1'
#
loop_
_entity.id
_entity.type
_entity.pdbx_description
1 polymer 'Merozoite surface protein P12'
2 polymer 'Nanobody G7'
3 non-polymer 2-acetamido-2-deoxy-beta-D-glucopyranose
4 non-polymer 'THIOCYANATE ION'
5 non-polymer 'SODIUM ION'
6 water water
#
loop_
_entity_poly.entity_id
_entity_poly.type
_entity_poly.pdbx_seq_one_letter_code
_entity_poly.pdbx_strand_id
1 'polypeptide(L)'
;GASNLTCDFNDVYKLEFHPNQQTSVTKLCNLTPNVLEKVTIKCGSDKLNYNLYPPTCFEEVYASRNMMHLKKIKEFVIGS
SMFMRRSLTPNKINEVSFRIPPNMMPEKPIYCFCENKKTITINGSNGNPSSKKDIINRGIVEIIIPSLNEKVKGCDFTTS
ESTIFSKGYSINEISNKSSNNQQDIVCTVKAHANDLIGFKCPSNYSVEPHDCFVSAFNLSGKNENLENKLKLTNIIMDHY
NNTFYSRLPSLISDNWKFFCVCSKDNEKKLVFTVEASISS
;
A
2 'polypeptide(L)'
;QVQLQESGGGLVQAGGSLRLSCAASGRTFSSYGMGWFRQAPGTEREFVAAISWSGDSTYYADSVKGRFTISIDKAKNTVY
LQMNSLKPEDTAVYYCAADHALVVGGTYNYWGQGTQVTVSSHHHHHH
;
B
#
loop_
_chem_comp.id
_chem_comp.type
_chem_comp.name
_chem_comp.formula
NA non-polymer 'SODIUM ION' 'Na 1'
NAG D-saccharide, beta linking 2-acetamido-2-deoxy-beta-D-glucopyranose 'C8 H15 N O6'
SCN non-polymer 'THIOCYANATE ION' 'C N S -1'
#
# COMPACT_ATOMS: atom_id res chain seq x y z
N ASN A 4 -14.17 -11.33 -7.37
CA ASN A 4 -15.39 -11.94 -6.85
C ASN A 4 -15.25 -12.25 -5.35
N LEU A 5 -14.73 -13.41 -4.94
CA LEU A 5 -14.63 -13.80 -3.52
C LEU A 5 -15.90 -13.39 -2.76
N THR A 6 -17.01 -14.02 -3.12
CA THR A 6 -18.30 -13.56 -2.65
C THR A 6 -19.13 -14.79 -2.36
N CYS A 7 -19.85 -14.73 -1.25
CA CYS A 7 -20.89 -15.70 -0.86
C CYS A 7 -22.23 -15.02 -1.01
N ASP A 8 -22.87 -15.26 -2.14
CA ASP A 8 -24.12 -14.61 -2.48
C ASP A 8 -25.26 -15.63 -2.22
N PHE A 9 -25.91 -15.47 -1.08
CA PHE A 9 -27.04 -16.40 -0.79
C PHE A 9 -28.35 -15.92 -1.39
N ASN A 10 -28.35 -14.78 -2.05
CA ASN A 10 -29.58 -14.32 -2.70
C ASN A 10 -29.74 -14.94 -4.08
N ASP A 11 -28.66 -14.94 -4.86
CA ASP A 11 -28.65 -15.29 -6.27
C ASP A 11 -27.88 -16.57 -6.62
N VAL A 12 -26.91 -16.98 -5.81
CA VAL A 12 -25.99 -18.03 -6.21
C VAL A 12 -26.17 -19.26 -5.34
N TYR A 13 -25.82 -19.17 -4.05
CA TYR A 13 -26.12 -20.23 -3.10
C TYR A 13 -27.52 -20.01 -2.56
N LYS A 14 -28.51 -20.18 -3.43
CA LYS A 14 -29.88 -19.75 -3.14
C LYS A 14 -30.45 -20.49 -1.95
N LEU A 15 -31.05 -19.75 -1.03
CA LEU A 15 -31.65 -20.32 0.17
C LEU A 15 -33.17 -20.37 0.10
N GLU A 16 -33.75 -20.16 -1.07
CA GLU A 16 -35.20 -20.14 -1.18
C GLU A 16 -35.76 -21.50 -0.82
N PHE A 17 -36.92 -21.51 -0.18
CA PHE A 17 -37.59 -22.77 0.06
C PHE A 17 -38.26 -23.28 -1.22
N HIS A 18 -38.36 -24.60 -1.33
CA HIS A 18 -39.00 -25.14 -2.52
C HIS A 18 -40.34 -25.73 -2.13
N PRO A 19 -41.30 -25.77 -3.06
CA PRO A 19 -42.61 -26.37 -2.77
C PRO A 19 -42.50 -27.74 -2.12
N ASN A 20 -43.27 -27.93 -1.06
CA ASN A 20 -43.28 -29.16 -0.27
C ASN A 20 -41.91 -29.53 0.28
N GLN A 21 -40.97 -28.57 0.40
CA GLN A 21 -39.77 -28.88 1.16
C GLN A 21 -40.17 -29.19 2.59
N GLN A 22 -39.63 -30.27 3.15
CA GLN A 22 -39.93 -30.64 4.51
C GLN A 22 -38.71 -30.78 5.39
N THR A 23 -37.50 -30.57 4.85
CA THR A 23 -36.29 -30.88 5.57
C THR A 23 -35.36 -29.71 5.39
N SER A 24 -34.78 -29.24 6.48
CA SER A 24 -33.75 -28.16 6.40
C SER A 24 -32.60 -28.54 5.48
N VAL A 25 -31.97 -27.50 4.90
CA VAL A 25 -30.88 -27.69 3.95
C VAL A 25 -29.80 -26.73 4.40
N THR A 26 -28.55 -27.15 4.28
CA THR A 26 -27.42 -26.27 4.61
C THR A 26 -26.48 -26.27 3.41
N LYS A 27 -26.00 -25.08 3.03
CA LYS A 27 -25.05 -24.96 1.94
C LYS A 27 -23.81 -24.28 2.51
N LEU A 28 -22.66 -24.67 1.99
CA LEU A 28 -21.40 -24.13 2.47
C LEU A 28 -20.74 -23.31 1.36
N CYS A 29 -20.33 -22.09 1.72
CA CYS A 29 -19.54 -21.26 0.81
C CYS A 29 -18.18 -21.06 1.50
N ASN A 30 -17.15 -21.70 0.95
CA ASN A 30 -15.80 -21.61 1.47
C ASN A 30 -15.01 -20.61 0.61
N LEU A 31 -14.39 -19.62 1.25
CA LEU A 31 -13.49 -18.69 0.56
C LEU A 31 -12.09 -18.79 1.14
N THR A 32 -11.07 -18.75 0.26
CA THR A 32 -9.66 -18.75 0.69
C THR A 32 -8.96 -17.53 0.12
N PRO A 33 -9.21 -16.35 0.68
CA PRO A 33 -8.59 -15.12 0.17
C PRO A 33 -7.10 -15.09 0.45
N ASN A 34 -6.38 -14.30 -0.36
CA ASN A 34 -5.03 -13.93 0.02
C ASN A 34 -5.06 -12.66 0.88
N VAL A 35 -3.91 -12.35 1.50
CA VAL A 35 -3.82 -11.15 2.34
C VAL A 35 -4.16 -9.94 1.47
N LEU A 36 -4.83 -8.97 2.07
CA LEU A 36 -5.31 -7.71 1.50
C LEU A 36 -6.54 -7.89 0.63
N GLU A 37 -7.00 -9.11 0.35
CA GLU A 37 -8.14 -9.24 -0.54
C GLU A 37 -9.44 -9.01 0.22
N LYS A 38 -10.49 -8.73 -0.54
CA LYS A 38 -11.78 -8.34 0.00
C LYS A 38 -12.72 -9.54 -0.13
N VAL A 39 -13.41 -9.88 0.94
CA VAL A 39 -14.43 -10.95 0.90
C VAL A 39 -15.79 -10.32 1.13
N THR A 40 -16.86 -10.95 0.59
CA THR A 40 -18.13 -10.28 0.60
C THR A 40 -19.20 -11.35 0.83
N ILE A 41 -20.18 -11.00 1.64
CA ILE A 41 -21.41 -11.82 1.82
C ILE A 41 -22.61 -11.05 1.31
N LYS A 42 -23.57 -11.73 0.64
CA LYS A 42 -24.84 -11.10 0.33
C LYS A 42 -25.93 -11.98 0.91
N CYS A 43 -26.75 -11.41 1.78
CA CYS A 43 -27.71 -12.20 2.56
C CYS A 43 -28.97 -11.38 2.76
N GLY A 44 -30.04 -11.71 2.03
CA GLY A 44 -31.29 -10.98 2.13
C GLY A 44 -31.36 -9.81 1.16
N SER A 45 -32.58 -9.40 0.85
CA SER A 45 -32.81 -8.28 -0.07
C SER A 45 -34.18 -7.66 0.26
N ASP A 46 -34.63 -6.75 -0.60
CA ASP A 46 -35.96 -6.16 -0.44
C ASP A 46 -37.06 -7.21 -0.55
N LYS A 47 -36.77 -8.33 -1.21
CA LYS A 47 -37.74 -9.39 -1.42
C LYS A 47 -37.38 -10.70 -0.73
N LEU A 48 -36.14 -10.90 -0.32
CA LEU A 48 -35.70 -12.11 0.37
C LEU A 48 -35.48 -11.82 1.85
N ASN A 49 -36.31 -12.41 2.69
CA ASN A 49 -36.26 -12.20 4.14
C ASN A 49 -35.30 -13.20 4.79
N TYR A 50 -34.00 -12.94 4.65
CA TYR A 50 -32.93 -13.75 5.20
C TYR A 50 -32.15 -12.91 6.22
N ASN A 51 -31.60 -13.58 7.23
CA ASN A 51 -30.89 -12.88 8.31
C ASN A 51 -29.46 -13.37 8.43
N LEU A 52 -28.52 -12.43 8.60
CA LEU A 52 -27.11 -12.72 8.77
C LEU A 52 -26.76 -12.82 10.26
N TYR A 53 -25.98 -13.86 10.60
CA TYR A 53 -25.56 -14.12 11.96
C TYR A 53 -24.05 -14.27 12.01
N PRO A 54 -23.36 -13.54 12.88
CA PRO A 54 -23.91 -12.48 13.74
C PRO A 54 -24.38 -11.32 12.88
N PRO A 55 -25.35 -10.52 13.36
CA PRO A 55 -25.86 -9.39 12.56
C PRO A 55 -24.79 -8.38 12.17
N THR A 56 -23.71 -8.24 12.95
CA THR A 56 -22.66 -7.28 12.63
C THR A 56 -21.46 -7.90 11.94
N CYS A 57 -21.58 -9.14 11.44
CA CYS A 57 -20.56 -9.72 10.58
C CYS A 57 -20.15 -8.72 9.49
N PHE A 58 -18.84 -8.56 9.26
CA PHE A 58 -17.73 -9.31 9.83
C PHE A 58 -17.12 -8.75 11.12
N GLU A 59 -17.68 -7.68 11.69
CA GLU A 59 -17.15 -7.13 12.93
C GLU A 59 -17.25 -8.13 14.07
N GLU A 60 -18.35 -8.89 14.13
CA GLU A 60 -18.43 -10.08 14.97
C GLU A 60 -18.55 -11.30 14.09
N VAL A 61 -17.92 -12.38 14.51
CA VAL A 61 -17.88 -13.63 13.77
C VAL A 61 -18.06 -14.74 14.78
N TYR A 62 -18.18 -15.97 14.26
CA TYR A 62 -18.19 -17.16 15.08
C TYR A 62 -16.89 -17.88 14.88
N ALA A 63 -16.30 -18.31 15.99
CA ALA A 63 -15.05 -19.06 15.87
C ALA A 63 -15.28 -20.47 15.39
N SER A 64 -16.51 -21.00 15.46
N SER A 64 -16.52 -20.98 15.42
CA SER A 64 -16.76 -22.40 15.19
CA SER A 64 -16.81 -22.40 15.24
C SER A 64 -17.84 -22.57 14.12
C SER A 64 -17.90 -22.61 14.20
N ARG A 65 -17.74 -23.68 13.39
CA ARG A 65 -18.63 -23.95 12.28
C ARG A 65 -20.06 -24.29 12.73
N ASN A 66 -20.20 -24.81 13.93
CA ASN A 66 -21.53 -25.11 14.47
C ASN A 66 -22.22 -23.85 14.99
N MET A 67 -21.75 -22.66 14.62
CA MET A 67 -22.39 -21.39 15.02
C MET A 67 -22.40 -21.21 16.54
N MET A 68 -21.23 -21.29 17.19
CA MET A 68 -21.35 -21.37 18.65
C MET A 68 -20.49 -20.48 19.53
N HIS A 69 -19.38 -19.93 19.05
CA HIS A 69 -18.45 -19.15 19.87
C HIS A 69 -18.23 -17.75 19.28
N LEU A 70 -18.93 -16.76 19.83
CA LEU A 70 -18.90 -15.40 19.28
C LEU A 70 -17.57 -14.69 19.59
N LYS A 71 -16.97 -14.11 18.56
CA LYS A 71 -15.70 -13.37 18.67
C LYS A 71 -15.83 -12.01 18.03
N LYS A 72 -15.20 -10.99 18.64
CA LYS A 72 -15.03 -9.70 17.97
C LYS A 72 -13.80 -9.81 17.09
N ILE A 73 -13.95 -9.48 15.81
CA ILE A 73 -12.90 -9.87 14.89
C ILE A 73 -11.66 -9.01 15.13
N LYS A 74 -11.84 -7.80 15.65
CA LYS A 74 -10.68 -6.94 15.91
C LYS A 74 -9.77 -7.52 17.00
N GLU A 75 -10.31 -8.38 17.88
CA GLU A 75 -9.53 -9.13 18.85
C GLU A 75 -9.12 -10.51 18.35
N PHE A 76 -9.96 -11.17 17.54
CA PHE A 76 -9.75 -12.55 17.12
C PHE A 76 -8.83 -12.67 15.91
N VAL A 77 -8.80 -11.68 15.02
CA VAL A 77 -7.86 -11.65 13.91
C VAL A 77 -7.23 -10.26 13.97
N ILE A 78 -6.14 -10.13 14.74
CA ILE A 78 -5.57 -8.82 15.02
C ILE A 78 -5.17 -8.19 13.69
N GLY A 79 -5.45 -6.92 13.57
CA GLY A 79 -5.23 -6.21 12.34
C GLY A 79 -6.48 -5.94 11.55
N SER A 80 -7.58 -6.69 11.82
CA SER A 80 -8.79 -6.47 11.05
C SER A 80 -9.35 -5.08 11.30
N SER A 81 -9.55 -4.31 10.24
CA SER A 81 -9.92 -2.91 10.42
C SER A 81 -10.72 -2.32 9.27
N MET A 82 -10.85 -2.99 8.12
CA MET A 82 -11.52 -2.41 6.98
C MET A 82 -12.81 -3.17 6.72
N PHE A 83 -13.92 -2.46 6.81
CA PHE A 83 -15.24 -3.11 6.73
C PHE A 83 -16.15 -2.27 5.87
N MET A 84 -17.08 -2.93 5.15
CA MET A 84 -18.10 -2.21 4.39
C MET A 84 -19.43 -2.90 4.65
N ARG A 85 -20.51 -2.13 4.65
CA ARG A 85 -21.84 -2.65 4.96
C ARG A 85 -22.86 -1.94 4.09
N ARG A 86 -23.93 -2.65 3.76
CA ARG A 86 -24.93 -2.10 2.86
C ARG A 86 -26.28 -2.70 3.22
N SER A 87 -27.28 -1.86 3.41
CA SER A 87 -28.68 -2.30 3.49
C SER A 87 -29.23 -2.55 2.12
N LEU A 88 -30.00 -3.65 1.96
CA LEU A 88 -30.83 -3.79 0.77
C LEU A 88 -32.30 -3.65 1.11
N THR A 89 -32.63 -3.65 2.39
CA THR A 89 -33.98 -3.42 2.81
C THR A 89 -33.86 -2.63 4.10
N PRO A 90 -34.85 -1.80 4.44
CA PRO A 90 -34.71 -0.94 5.62
C PRO A 90 -34.38 -1.68 6.89
N ASN A 91 -33.45 -1.09 7.66
CA ASN A 91 -33.13 -1.52 9.02
C ASN A 91 -32.45 -2.86 9.06
N LYS A 92 -31.89 -3.30 7.94
CA LYS A 92 -31.14 -4.54 7.90
C LYS A 92 -29.85 -4.27 7.16
N ILE A 93 -28.81 -5.03 7.50
CA ILE A 93 -27.58 -5.05 6.72
C ILE A 93 -27.53 -6.37 5.95
N ASN A 94 -27.54 -6.28 4.62
CA ASN A 94 -27.62 -7.44 3.73
C ASN A 94 -26.36 -7.70 2.93
N GLU A 95 -25.42 -6.76 2.85
CA GLU A 95 -24.22 -7.03 2.08
C GLU A 95 -23.06 -6.50 2.90
N VAL A 96 -22.09 -7.35 3.17
CA VAL A 96 -20.96 -6.97 4.02
C VAL A 96 -19.65 -7.40 3.40
N SER A 97 -18.59 -6.62 3.67
CA SER A 97 -17.28 -6.95 3.11
C SER A 97 -16.23 -6.66 4.17
N PHE A 98 -15.08 -7.32 4.03
CA PHE A 98 -13.95 -7.06 4.90
C PHE A 98 -12.66 -7.39 4.15
N ARG A 99 -11.59 -6.66 4.45
N ARG A 99 -11.59 -6.66 4.46
CA ARG A 99 -10.32 -6.95 3.80
CA ARG A 99 -10.32 -6.93 3.82
C ARG A 99 -9.40 -7.68 4.77
C ARG A 99 -9.41 -7.68 4.78
N ILE A 100 -8.77 -8.74 4.27
CA ILE A 100 -7.96 -9.64 5.08
C ILE A 100 -6.67 -8.92 5.46
N PRO A 101 -6.37 -8.74 6.74
CA PRO A 101 -5.13 -8.03 7.15
C PRO A 101 -3.93 -8.95 7.15
N PRO A 102 -2.71 -8.41 7.23
CA PRO A 102 -1.55 -9.29 7.40
C PRO A 102 -1.64 -10.05 8.70
N ASN A 103 -1.41 -11.35 8.62
CA ASN A 103 -1.50 -12.25 9.77
C ASN A 103 -0.32 -13.20 9.71
N MET A 104 0.47 -13.23 10.78
CA MET A 104 1.64 -14.11 10.87
C MET A 104 1.34 -15.38 11.67
N MET A 105 0.21 -15.40 12.38
CA MET A 105 -0.31 -16.56 13.08
C MET A 105 -0.79 -17.60 12.08
N PRO A 106 -0.99 -18.86 12.51
CA PRO A 106 -1.34 -19.89 11.54
C PRO A 106 -2.74 -19.65 10.97
N GLU A 107 -3.02 -20.34 9.87
CA GLU A 107 -4.35 -20.27 9.27
C GLU A 107 -5.43 -20.60 10.31
N LYS A 108 -6.60 -19.98 10.14
CA LYS A 108 -7.71 -20.05 11.11
C LYS A 108 -9.01 -19.70 10.40
N PRO A 109 -10.11 -20.44 10.63
CA PRO A 109 -11.38 -20.08 10.00
C PRO A 109 -12.16 -19.02 10.78
N ILE A 110 -12.99 -18.29 10.05
CA ILE A 110 -14.00 -17.46 10.71
C ILE A 110 -15.29 -17.79 10.00
N TYR A 111 -16.40 -17.70 10.75
CA TYR A 111 -17.71 -18.11 10.24
C TYR A 111 -18.78 -17.05 10.39
N CYS A 112 -19.60 -16.88 9.35
CA CYS A 112 -20.87 -16.21 9.54
C CYS A 112 -21.91 -17.09 8.90
N PHE A 113 -23.15 -16.74 9.14
CA PHE A 113 -24.21 -17.62 8.65
C PHE A 113 -25.38 -16.82 8.11
N CYS A 114 -26.00 -17.30 7.02
CA CYS A 114 -27.19 -16.69 6.44
C CYS A 114 -28.33 -17.70 6.61
N GLU A 115 -29.46 -17.24 7.13
CA GLU A 115 -30.60 -18.14 7.42
C GLU A 115 -31.89 -17.68 6.76
N ASN A 116 -32.66 -18.65 6.22
CA ASN A 116 -34.01 -18.41 5.74
C ASN A 116 -34.86 -19.38 6.56
N LYS A 117 -35.89 -18.87 7.23
CA LYS A 117 -36.69 -19.72 8.12
C LYS A 117 -38.13 -19.75 7.67
N LYS A 118 -38.80 -20.86 8.00
CA LYS A 118 -40.24 -20.84 7.91
C LYS A 118 -40.77 -22.03 8.67
N THR A 119 -42.03 -21.92 9.09
CA THR A 119 -42.75 -23.00 9.76
C THR A 119 -43.70 -23.63 8.76
N ILE A 120 -43.68 -24.96 8.69
CA ILE A 120 -44.55 -25.67 7.78
C ILE A 120 -45.44 -26.59 8.60
N THR A 121 -46.58 -26.94 8.03
CA THR A 121 -47.47 -27.94 8.62
C THR A 121 -47.22 -29.26 7.91
N ILE A 122 -46.89 -30.29 8.68
CA ILE A 122 -46.67 -31.63 8.15
C ILE A 122 -48.00 -32.35 8.30
N ASN A 123 -48.67 -32.63 7.17
CA ASN A 123 -50.02 -33.22 7.21
C ASN A 123 -49.90 -34.70 7.51
N GLY A 124 -50.59 -35.13 8.57
CA GLY A 124 -50.51 -36.49 9.05
C GLY A 124 -51.76 -37.30 8.74
N SER A 125 -51.75 -38.51 9.26
CA SER A 125 -52.73 -39.52 8.89
C SER A 125 -52.47 -40.74 9.75
N ASN A 126 -53.49 -41.60 9.85
CA ASN A 126 -53.36 -42.94 10.41
C ASN A 126 -52.59 -42.94 11.74
N GLY A 127 -53.14 -42.22 12.73
CA GLY A 127 -52.61 -42.22 14.06
C GLY A 127 -51.44 -41.29 14.29
N ASN A 128 -50.88 -40.70 13.21
CA ASN A 128 -49.83 -39.67 13.25
C ASN A 128 -50.40 -38.30 12.98
N PRO A 129 -50.77 -37.54 14.01
CA PRO A 129 -51.46 -36.26 13.77
C PRO A 129 -50.56 -35.24 13.10
N SER A 130 -51.19 -34.25 12.49
CA SER A 130 -50.44 -33.17 11.84
C SER A 130 -49.60 -32.43 12.86
N SER A 131 -48.47 -31.88 12.41
CA SER A 131 -47.62 -31.16 13.32
C SER A 131 -47.03 -29.96 12.58
N LYS A 132 -46.60 -28.98 13.37
CA LYS A 132 -45.78 -27.87 12.86
C LYS A 132 -44.31 -28.19 12.96
N LYS A 133 -43.53 -27.72 11.97
CA LYS A 133 -42.10 -27.95 11.93
C LYS A 133 -41.45 -26.68 11.43
N ASP A 134 -40.47 -26.19 12.17
CA ASP A 134 -39.61 -25.08 11.72
C ASP A 134 -38.49 -25.67 10.87
N ILE A 135 -38.37 -25.21 9.63
CA ILE A 135 -37.26 -25.64 8.81
C ILE A 135 -36.41 -24.40 8.46
N ILE A 136 -35.16 -24.66 8.15
CA ILE A 136 -34.16 -23.60 7.95
C ILE A 136 -33.35 -23.94 6.72
N ASN A 137 -33.15 -22.98 5.83
CA ASN A 137 -32.11 -23.11 4.82
C ASN A 137 -31.02 -22.18 5.28
N ARG A 138 -29.85 -22.75 5.58
CA ARG A 138 -28.76 -22.03 6.22
C ARG A 138 -27.62 -22.04 5.23
N GLY A 139 -27.01 -20.88 5.05
CA GLY A 139 -25.79 -20.78 4.30
C GLY A 139 -24.67 -20.48 5.28
N ILE A 140 -23.62 -21.28 5.17
CA ILE A 140 -22.43 -21.13 6.02
C ILE A 140 -21.37 -20.39 5.20
N VAL A 141 -20.88 -19.30 5.77
CA VAL A 141 -19.74 -18.60 5.19
C VAL A 141 -18.52 -19.03 5.97
N GLU A 142 -17.60 -19.71 5.31
CA GLU A 142 -16.34 -20.11 5.93
C GLU A 142 -15.21 -19.36 5.24
N ILE A 143 -14.57 -18.46 5.96
CA ILE A 143 -13.42 -17.68 5.44
C ILE A 143 -12.16 -18.24 6.10
N ILE A 144 -11.21 -18.72 5.29
CA ILE A 144 -9.91 -19.15 5.81
C ILE A 144 -8.96 -17.95 5.80
N ILE A 145 -8.51 -17.54 6.98
CA ILE A 145 -7.60 -16.41 7.15
C ILE A 145 -6.20 -16.92 6.86
N PRO A 146 -5.56 -16.47 5.77
CA PRO A 146 -4.27 -17.04 5.38
C PRO A 146 -3.16 -16.54 6.29
N SER A 147 -2.00 -17.20 6.20
CA SER A 147 -0.90 -16.88 7.09
C SER A 147 0.31 -16.41 6.27
N LEU A 148 1.00 -15.39 6.77
CA LEU A 148 2.19 -14.90 6.08
C LEU A 148 3.43 -15.57 6.65
N ASN A 149 4.37 -15.92 5.79
CA ASN A 149 5.60 -16.54 6.28
C ASN A 149 6.77 -15.60 6.34
N GLU A 150 6.59 -14.33 5.96
CA GLU A 150 7.63 -13.32 6.10
C GLU A 150 6.99 -11.97 6.39
N LYS A 151 7.77 -11.04 6.93
CA LYS A 151 7.15 -9.77 7.29
C LYS A 151 6.82 -8.98 6.03
N VAL A 152 5.86 -8.06 6.16
CA VAL A 152 5.55 -7.14 5.08
C VAL A 152 6.80 -6.29 4.85
N LYS A 153 7.22 -6.16 3.59
CA LYS A 153 8.33 -5.24 3.27
C LYS A 153 7.85 -3.82 3.49
N GLY A 154 8.43 -3.10 4.44
CA GLY A 154 7.90 -1.80 4.78
C GLY A 154 8.39 -1.32 6.12
N CYS A 155 7.76 -0.25 6.59
CA CYS A 155 8.32 0.56 7.67
C CYS A 155 7.28 0.79 8.76
N ASP A 156 7.60 0.34 9.97
CA ASP A 156 6.82 0.67 11.15
C ASP A 156 7.46 1.87 11.83
N PHE A 157 6.86 3.05 11.66
CA PHE A 157 7.41 4.22 12.34
C PHE A 157 6.97 4.31 13.80
N THR A 158 6.20 3.34 14.30
CA THR A 158 5.74 3.40 15.68
C THR A 158 6.53 2.51 16.63
N THR A 159 7.43 1.65 16.12
CA THR A 159 8.16 0.76 17.00
C THR A 159 9.31 0.13 16.22
N SER A 160 10.43 -0.10 16.93
CA SER A 160 11.53 -0.81 16.31
C SER A 160 11.47 -2.30 16.56
N GLU A 161 10.41 -2.77 17.20
CA GLU A 161 10.20 -4.19 17.47
C GLU A 161 8.89 -4.63 16.82
N SER A 162 8.71 -4.28 15.55
CA SER A 162 7.44 -4.53 14.90
C SER A 162 7.25 -6.01 14.62
N THR A 163 6.02 -6.49 14.82
CA THR A 163 5.64 -7.84 14.43
C THR A 163 5.17 -7.93 12.98
N ILE A 164 4.94 -6.80 12.30
CA ILE A 164 4.34 -6.80 10.98
C ILE A 164 5.34 -6.44 9.90
N PHE A 165 6.18 -5.44 10.16
CA PHE A 165 6.94 -4.80 9.12
C PHE A 165 8.41 -5.18 9.26
N SER A 166 9.08 -5.27 8.10
CA SER A 166 10.47 -5.71 8.05
C SER A 166 11.40 -4.70 8.68
N LYS A 167 11.04 -3.41 8.66
CA LYS A 167 11.85 -2.35 9.26
C LYS A 167 10.97 -1.54 10.21
N GLY A 168 11.59 -1.05 11.29
CA GLY A 168 10.88 -0.23 12.27
C GLY A 168 11.80 0.77 12.94
N TYR A 169 11.19 1.81 13.54
CA TYR A 169 11.92 2.89 14.20
C TYR A 169 11.33 3.17 15.56
N SER A 170 12.20 3.35 16.55
CA SER A 170 11.75 3.54 17.92
C SER A 170 11.29 4.98 18.13
N ILE A 171 10.60 5.23 19.26
CA ILE A 171 10.14 6.60 19.48
C ILE A 171 11.32 7.53 19.69
N ASN A 172 12.42 7.05 20.28
CA ASN A 172 13.58 7.89 20.47
C ASN A 172 14.17 8.34 19.15
N GLU A 173 14.04 7.52 18.10
CA GLU A 173 14.55 7.91 16.78
C GLU A 173 13.61 8.88 16.08
N ILE A 174 12.29 8.66 16.12
CA ILE A 174 11.37 9.58 15.44
C ILE A 174 11.13 10.87 16.21
N SER A 175 11.45 10.91 17.49
CA SER A 175 11.24 12.10 18.33
C SER A 175 12.34 13.13 18.19
N GLN A 183 17.24 15.77 11.01
CA GLN A 183 17.20 15.17 9.68
C GLN A 183 16.02 14.20 9.59
N ASP A 184 15.36 14.22 8.43
CA ASP A 184 14.19 13.38 8.21
C ASP A 184 14.56 11.90 8.16
N ILE A 185 13.59 11.05 8.54
CA ILE A 185 13.82 9.62 8.40
C ILE A 185 13.30 9.19 7.06
N VAL A 186 14.09 8.39 6.37
CA VAL A 186 13.74 7.93 5.06
C VAL A 186 13.90 6.43 5.13
N CYS A 187 12.79 5.74 5.03
CA CYS A 187 12.75 4.29 5.07
C CYS A 187 12.51 3.79 3.65
N THR A 188 13.46 3.03 3.11
CA THR A 188 13.42 2.62 1.71
C THR A 188 13.19 1.13 1.63
N VAL A 189 12.29 0.70 0.75
CA VAL A 189 12.11 -0.72 0.47
C VAL A 189 12.30 -0.97 -1.01
N LYS A 190 12.98 -2.07 -1.33
CA LYS A 190 13.17 -2.50 -2.71
C LYS A 190 12.12 -3.57 -2.98
N ALA A 191 11.32 -3.36 -4.00
CA ALA A 191 10.14 -4.18 -4.20
C ALA A 191 10.12 -4.73 -5.62
N HIS A 192 9.59 -5.94 -5.74
CA HIS A 192 9.51 -6.63 -7.02
C HIS A 192 8.04 -6.98 -7.27
N ALA A 193 7.76 -7.48 -8.46
CA ALA A 193 6.40 -7.79 -8.83
C ALA A 193 5.77 -8.73 -7.79
N ASN A 194 4.50 -8.48 -7.47
CA ASN A 194 3.68 -9.21 -6.50
C ASN A 194 4.08 -9.04 -5.04
N ASP A 195 5.10 -8.23 -4.73
CA ASP A 195 5.50 -8.00 -3.34
C ASP A 195 4.41 -7.29 -2.56
N LEU A 196 4.25 -7.68 -1.31
CA LEU A 196 3.38 -6.97 -0.38
C LEU A 196 4.22 -5.94 0.37
N ILE A 197 3.79 -4.68 0.34
CA ILE A 197 4.49 -3.57 0.98
C ILE A 197 3.51 -2.79 1.85
N GLY A 198 4.06 -1.93 2.69
CA GLY A 198 3.24 -1.03 3.50
C GLY A 198 4.05 -0.27 4.52
N PHE A 199 3.34 0.60 5.25
CA PHE A 199 3.94 1.30 6.36
C PHE A 199 2.87 1.73 7.36
N LYS A 200 3.33 2.10 8.55
CA LYS A 200 2.47 2.61 9.62
C LYS A 200 3.13 3.84 10.23
N CYS A 201 2.38 4.94 10.32
CA CYS A 201 2.78 6.18 10.95
C CYS A 201 2.10 6.37 12.30
N PRO A 202 2.71 7.10 13.22
CA PRO A 202 2.08 7.35 14.52
C PRO A 202 0.77 8.08 14.36
N SER A 203 -0.06 8.01 15.42
CA SER A 203 -1.48 8.36 15.29
C SER A 203 -1.67 9.79 14.80
N ASN A 204 -1.09 10.77 15.50
CA ASN A 204 -1.44 12.14 15.14
C ASN A 204 -0.58 12.72 14.02
N TYR A 205 0.03 11.89 13.17
CA TYR A 205 0.73 12.38 11.98
C TYR A 205 -0.21 12.39 10.80
N SER A 206 0.05 13.28 9.86
CA SER A 206 -0.69 13.42 8.62
C SER A 206 0.05 12.68 7.52
N VAL A 207 -0.68 12.07 6.59
CA VAL A 207 -0.07 11.34 5.49
C VAL A 207 -0.27 12.10 4.19
N GLU A 208 0.81 12.36 3.44
CA GLU A 208 0.68 12.98 2.11
C GLU A 208 1.29 12.08 1.04
N PRO A 209 0.62 11.87 -0.10
CA PRO A 209 -0.78 12.25 -0.34
C PRO A 209 -1.69 11.44 0.54
N HIS A 210 -2.89 11.99 0.78
N HIS A 210 -2.89 12.00 0.79
CA HIS A 210 -3.86 11.30 1.62
CA HIS A 210 -3.88 11.29 1.61
C HIS A 210 -4.16 9.90 1.08
C HIS A 210 -4.17 9.90 1.08
N ASP A 211 -4.24 9.75 -0.24
CA ASP A 211 -4.50 8.47 -0.89
C ASP A 211 -3.22 7.79 -1.32
N CYS A 212 -2.24 7.81 -0.42
CA CYS A 212 -0.96 7.14 -0.68
C CYS A 212 -1.18 5.70 -1.15
N PHE A 213 -0.55 5.36 -2.28
CA PHE A 213 -0.58 4.10 -3.01
C PHE A 213 -1.55 4.16 -4.18
N VAL A 214 -2.65 4.93 -4.07
CA VAL A 214 -3.39 5.30 -5.27
C VAL A 214 -2.60 6.37 -6.02
N SER A 215 -2.10 7.35 -5.29
CA SER A 215 -1.12 8.30 -5.83
C SER A 215 0.10 8.37 -4.91
N ALA A 216 1.12 9.14 -5.30
CA ALA A 216 2.31 9.21 -4.46
C ALA A 216 3.12 10.37 -4.99
N PHE A 217 4.12 10.77 -4.22
CA PHE A 217 5.12 11.75 -4.70
C PHE A 217 6.13 11.05 -5.59
N ASN A 218 6.60 11.76 -6.61
CA ASN A 218 7.67 11.25 -7.43
C ASN A 218 8.95 12.04 -7.11
N LEU A 219 10.03 11.68 -7.81
CA LEU A 219 11.34 12.33 -7.54
C LEU A 219 11.35 13.82 -7.82
N SER A 220 10.43 14.32 -8.66
CA SER A 220 10.23 15.76 -8.83
C SER A 220 9.52 16.41 -7.65
N GLY A 221 9.10 15.62 -6.66
CA GLY A 221 8.31 16.16 -5.56
C GLY A 221 6.87 16.48 -5.93
N LYS A 222 6.38 15.96 -7.04
CA LYS A 222 5.02 16.20 -7.50
C LYS A 222 4.16 14.99 -7.21
N ASN A 223 2.90 15.25 -6.97
CA ASN A 223 1.92 14.17 -6.82
C ASN A 223 1.61 13.57 -8.18
N GLU A 224 1.61 12.25 -8.26
CA GLU A 224 1.23 11.56 -9.49
C GLU A 224 0.29 10.41 -9.14
N ASN A 225 -0.77 10.23 -9.93
CA ASN A 225 -1.61 9.04 -9.79
C ASN A 225 -0.86 7.85 -10.39
N LEU A 226 -0.79 6.75 -9.62
CA LEU A 226 0.09 5.65 -9.99
C LEU A 226 -0.51 4.68 -11.02
N GLU A 227 -1.74 4.93 -11.48
CA GLU A 227 -2.44 3.93 -12.28
C GLU A 227 -1.71 3.61 -13.57
N ASN A 228 -1.08 4.61 -14.19
CA ASN A 228 -0.45 4.41 -15.48
C ASN A 228 1.04 4.14 -15.39
N LYS A 229 1.61 4.16 -14.19
CA LYS A 229 3.04 3.91 -14.00
C LYS A 229 3.32 2.64 -13.22
N LEU A 230 2.65 2.46 -12.09
CA LEU A 230 2.92 1.33 -11.20
C LEU A 230 1.61 1.08 -10.46
N LYS A 231 0.79 0.20 -11.03
CA LYS A 231 -0.58 0.03 -10.54
C LYS A 231 -0.56 -0.93 -9.35
N LEU A 232 -0.34 -0.39 -8.16
CA LEU A 232 -0.42 -1.18 -6.94
C LEU A 232 -1.85 -1.67 -6.76
N THR A 233 -2.00 -2.90 -6.25
CA THR A 233 -3.29 -3.57 -6.14
C THR A 233 -3.67 -3.83 -4.69
N ASN A 234 -4.97 -4.15 -4.47
CA ASN A 234 -5.44 -4.54 -3.14
C ASN A 234 -5.05 -3.50 -2.08
N ILE A 235 -5.31 -2.24 -2.38
CA ILE A 235 -4.81 -1.16 -1.55
C ILE A 235 -5.64 -1.06 -0.28
N ILE A 236 -4.96 -0.89 0.85
CA ILE A 236 -5.61 -0.63 2.14
C ILE A 236 -5.06 0.70 2.60
N MET A 237 -5.95 1.66 2.87
CA MET A 237 -5.59 2.98 3.35
C MET A 237 -6.34 3.14 4.67
N ASP A 238 -5.77 2.61 5.74
CA ASP A 238 -6.44 2.63 7.03
C ASP A 238 -6.11 3.96 7.70
N HIS A 239 -6.90 4.97 7.38
CA HIS A 239 -6.68 6.29 7.96
C HIS A 239 -6.87 6.31 9.47
N TYR A 240 -7.80 5.53 10.01
CA TYR A 240 -7.98 5.50 11.46
C TYR A 240 -6.69 5.10 12.19
N ASN A 241 -5.94 4.16 11.62
CA ASN A 241 -4.73 3.65 12.26
C ASN A 241 -3.46 4.09 11.56
N ASN A 242 -3.56 5.00 10.60
CA ASN A 242 -2.39 5.47 9.83
C ASN A 242 -1.57 4.29 9.31
N THR A 243 -2.27 3.27 8.78
CA THR A 243 -1.60 2.08 8.29
C THR A 243 -1.99 1.89 6.83
N PHE A 244 -0.99 1.62 5.99
CA PHE A 244 -1.13 1.53 4.54
C PHE A 244 -0.52 0.24 4.04
N TYR A 245 -1.25 -0.48 3.16
CA TYR A 245 -0.74 -1.68 2.51
C TYR A 245 -1.10 -1.69 1.02
N SER A 246 -0.27 -2.38 0.23
CA SER A 246 -0.64 -2.69 -1.15
C SER A 246 0.30 -3.79 -1.63
N ARG A 247 0.00 -4.25 -2.83
CA ARG A 247 0.76 -5.30 -3.46
C ARG A 247 1.25 -4.75 -4.80
N LEU A 248 2.50 -5.03 -5.13
CA LEU A 248 3.05 -4.56 -6.39
C LEU A 248 2.37 -5.28 -7.56
N PRO A 249 2.31 -4.66 -8.74
CA PRO A 249 1.65 -5.32 -9.88
C PRO A 249 2.35 -6.63 -10.28
N SER A 250 1.62 -7.44 -11.05
CA SER A 250 2.15 -8.74 -11.47
C SER A 250 3.28 -8.61 -12.49
N LEU A 251 3.40 -7.48 -13.17
CA LEU A 251 4.53 -7.23 -14.07
C LEU A 251 4.99 -5.80 -13.88
N ILE A 252 6.31 -5.60 -13.82
CA ILE A 252 6.93 -4.28 -13.69
C ILE A 252 7.90 -4.11 -14.85
N SER A 253 7.61 -3.16 -15.74
CA SER A 253 8.40 -2.94 -16.95
C SER A 253 9.46 -1.86 -16.81
N ASP A 254 9.45 -1.08 -15.72
CA ASP A 254 10.38 0.05 -15.56
C ASP A 254 10.77 0.16 -14.10
N ASN A 255 11.96 0.70 -13.86
CA ASN A 255 12.41 1.00 -12.52
C ASN A 255 11.77 2.32 -12.08
N TRP A 256 11.00 2.28 -10.99
CA TRP A 256 10.26 3.42 -10.48
C TRP A 256 10.60 3.67 -9.02
N LYS A 257 10.49 4.93 -8.60
CA LYS A 257 10.64 5.29 -7.20
C LYS A 257 9.53 6.26 -6.85
N PHE A 258 8.83 5.99 -5.75
CA PHE A 258 7.72 6.84 -5.32
C PHE A 258 7.80 6.96 -3.81
N PHE A 259 7.14 7.99 -3.26
CA PHE A 259 7.29 8.35 -1.85
C PHE A 259 5.93 8.75 -1.30
N CYS A 260 5.74 8.46 0.00
CA CYS A 260 4.68 9.02 0.82
C CYS A 260 5.34 9.56 2.07
N VAL A 261 4.72 10.56 2.68
CA VAL A 261 5.35 11.29 3.75
C VAL A 261 4.37 11.46 4.91
N CYS A 262 4.81 11.06 6.11
CA CYS A 262 4.08 11.32 7.34
C CYS A 262 4.71 12.51 8.05
N SER A 263 3.90 13.48 8.45
CA SER A 263 4.43 14.66 9.10
C SER A 263 3.55 15.07 10.28
N LYS A 264 4.19 15.62 11.31
CA LYS A 264 3.54 16.29 12.43
C LYS A 264 4.34 17.55 12.73
N ASP A 265 3.64 18.64 13.02
CA ASP A 265 4.29 19.93 13.23
C ASP A 265 5.35 19.84 14.31
N ASN A 266 6.50 20.48 14.05
CA ASN A 266 7.64 20.55 14.97
C ASN A 266 8.33 19.20 15.16
N GLU A 267 8.04 18.22 14.31
CA GLU A 267 8.71 16.93 14.32
C GLU A 267 9.32 16.65 12.95
N LYS A 268 10.37 15.83 12.95
CA LYS A 268 10.94 15.35 11.70
C LYS A 268 9.90 14.66 10.85
N LYS A 269 10.08 14.74 9.54
CA LYS A 269 9.23 14.00 8.63
C LYS A 269 9.70 12.57 8.53
N LEU A 270 8.73 11.67 8.33
CA LEU A 270 8.92 10.23 8.18
C LEU A 270 8.54 9.90 6.74
N VAL A 271 9.54 9.51 5.96
CA VAL A 271 9.36 9.34 4.53
C VAL A 271 9.44 7.86 4.21
N PHE A 272 8.39 7.35 3.61
CA PHE A 272 8.35 5.98 3.09
C PHE A 272 8.62 6.02 1.60
N THR A 273 9.57 5.22 1.15
N THR A 273 9.58 5.24 1.14
CA THR A 273 9.86 5.16 -0.26
CA THR A 273 9.90 5.22 -0.28
C THR A 273 9.96 3.73 -0.74
C THR A 273 10.04 3.79 -0.78
N VAL A 274 9.48 3.51 -1.97
CA VAL A 274 9.59 2.23 -2.64
C VAL A 274 10.39 2.37 -3.93
N GLU A 275 11.37 1.51 -4.10
CA GLU A 275 12.09 1.35 -5.35
C GLU A 275 11.59 0.07 -5.99
N ALA A 276 10.75 0.21 -7.01
CA ALA A 276 10.16 -0.90 -7.73
C ALA A 276 11.07 -1.24 -8.91
N SER A 277 11.53 -2.50 -9.00
CA SER A 277 12.44 -2.90 -10.07
C SER A 277 11.77 -3.81 -11.10
N ILE A 278 12.32 -3.75 -12.33
CA ILE A 278 11.84 -4.55 -13.45
C ILE A 278 11.79 -6.02 -13.06
N SER A 279 10.65 -6.66 -13.28
CA SER A 279 10.43 -8.03 -12.82
C SER A 279 9.07 -8.49 -13.32
N SER A 280 8.90 -9.81 -13.34
CA SER A 280 7.69 -10.48 -13.84
C SER A 280 7.27 -11.58 -12.87
N LEU B 4 28.89 19.56 1.70
CA LEU B 4 28.75 19.28 0.28
C LEU B 4 29.60 20.17 -0.63
N GLN B 5 30.43 19.53 -1.45
CA GLN B 5 31.24 20.22 -2.45
C GLN B 5 30.70 19.85 -3.83
N GLU B 6 30.06 20.81 -4.50
CA GLU B 6 29.54 20.63 -5.85
C GLU B 6 30.42 21.34 -6.86
N SER B 7 30.88 20.61 -7.87
CA SER B 7 31.92 21.17 -8.73
C SER B 7 31.84 20.56 -10.11
N GLY B 8 32.66 21.08 -11.02
CA GLY B 8 32.73 20.47 -12.32
C GLY B 8 31.91 21.13 -13.38
N GLY B 9 31.18 22.19 -13.05
CA GLY B 9 30.35 22.85 -14.05
C GLY B 9 31.18 23.80 -14.88
N GLY B 10 30.54 24.43 -15.85
CA GLY B 10 31.19 25.48 -16.59
C GLY B 10 30.52 25.69 -17.93
N LEU B 11 31.28 26.31 -18.82
CA LEU B 11 30.84 26.61 -20.17
C LEU B 11 31.22 25.47 -21.10
N VAL B 12 30.27 25.05 -21.93
CA VAL B 12 30.54 24.00 -22.89
C VAL B 12 29.75 24.26 -24.17
N GLN B 13 30.31 23.83 -25.30
CA GLN B 13 29.64 23.93 -26.58
C GLN B 13 28.54 22.87 -26.71
N ALA B 14 27.45 23.24 -27.38
CA ALA B 14 26.39 22.28 -27.68
C ALA B 14 26.96 21.02 -28.32
N GLY B 15 26.49 19.86 -27.87
CA GLY B 15 27.03 18.60 -28.30
C GLY B 15 28.05 18.00 -27.35
N GLY B 16 28.65 18.80 -26.46
CA GLY B 16 29.76 18.39 -25.64
C GLY B 16 29.39 17.67 -24.34
N SER B 17 30.43 17.47 -23.53
CA SER B 17 30.36 16.70 -22.29
CA SER B 17 30.36 16.71 -22.29
C SER B 17 30.92 17.52 -21.13
N LEU B 18 30.38 17.25 -19.96
CA LEU B 18 30.88 17.78 -18.71
C LEU B 18 30.63 16.72 -17.65
N ARG B 19 31.48 16.68 -16.64
CA ARG B 19 31.32 15.75 -15.53
C ARG B 19 31.21 16.50 -14.22
N LEU B 20 30.06 16.38 -13.57
CA LEU B 20 29.83 17.02 -12.27
C LEU B 20 30.17 16.08 -11.14
N SER B 21 30.55 16.67 -10.01
N SER B 21 30.55 16.67 -10.01
CA SER B 21 31.04 15.95 -8.85
CA SER B 21 30.97 15.90 -8.85
C SER B 21 30.37 16.52 -7.62
C SER B 21 30.35 16.51 -7.61
N CYS B 22 29.99 15.64 -6.70
N CYS B 22 30.01 15.64 -6.65
CA CYS B 22 29.37 16.06 -5.44
CA CYS B 22 29.32 16.03 -5.42
C CYS B 22 29.99 15.28 -4.30
C CYS B 22 29.97 15.26 -4.28
N ALA B 23 30.87 15.92 -3.55
CA ALA B 23 31.61 15.30 -2.46
C ALA B 23 30.96 15.66 -1.13
N ALA B 24 30.53 14.65 -0.38
CA ALA B 24 29.84 14.81 0.90
C ALA B 24 30.76 14.37 2.04
N SER B 25 31.32 15.34 2.75
CA SER B 25 32.25 15.08 3.87
C SER B 25 31.49 14.79 5.17
N GLY B 26 30.67 13.74 5.14
CA GLY B 26 29.95 13.32 6.33
C GLY B 26 29.15 12.07 6.06
N ARG B 27 28.73 11.43 7.15
CA ARG B 27 27.84 10.28 7.10
C ARG B 27 26.38 10.67 7.01
N THR B 28 26.10 11.98 6.86
CA THR B 28 24.73 12.46 6.92
C THR B 28 23.88 11.95 5.75
N PHE B 29 24.50 11.51 4.66
CA PHE B 29 23.78 11.17 3.44
C PHE B 29 23.85 9.70 3.04
N SER B 30 24.50 8.83 3.82
CA SER B 30 24.73 7.45 3.39
C SER B 30 23.55 6.51 3.65
N SER B 31 22.56 6.93 4.45
CA SER B 31 21.29 6.23 4.49
C SER B 31 20.41 6.55 3.29
N TYR B 32 20.85 7.48 2.44
CA TYR B 32 20.00 8.14 1.47
C TYR B 32 20.37 7.75 0.05
N GLY B 33 19.35 7.64 -0.81
CA GLY B 33 19.60 7.80 -2.22
C GLY B 33 20.04 9.23 -2.50
N MET B 34 20.77 9.41 -3.58
CA MET B 34 21.35 10.71 -3.91
C MET B 34 20.86 11.14 -5.27
N GLY B 35 20.66 12.44 -5.45
CA GLY B 35 20.11 12.91 -6.71
C GLY B 35 20.86 14.14 -7.16
N TRP B 36 20.77 14.40 -8.45
CA TRP B 36 21.14 15.68 -9.02
C TRP B 36 19.85 16.36 -9.45
N PHE B 37 19.73 17.64 -9.13
CA PHE B 37 18.60 18.50 -9.45
C PHE B 37 19.09 19.73 -10.20
N ARG B 38 18.19 20.47 -10.84
CA ARG B 38 18.73 21.64 -11.54
C ARG B 38 17.69 22.76 -11.61
N GLN B 39 18.18 24.00 -11.61
CA GLN B 39 17.24 25.10 -11.73
C GLN B 39 17.86 26.24 -12.52
N ALA B 40 17.10 26.78 -13.46
CA ALA B 40 17.55 27.97 -14.19
C ALA B 40 16.60 29.13 -13.90
N PRO B 41 17.08 30.39 -13.99
CA PRO B 41 16.18 31.52 -13.75
C PRO B 41 14.92 31.43 -14.59
N GLY B 42 13.77 31.51 -13.94
CA GLY B 42 12.48 31.48 -14.60
C GLY B 42 11.76 30.15 -14.51
N THR B 43 12.47 29.07 -14.22
CA THR B 43 11.88 27.74 -14.11
C THR B 43 11.97 27.19 -12.68
N GLU B 44 11.15 26.17 -12.41
CA GLU B 44 11.20 25.51 -11.11
C GLU B 44 12.42 24.58 -11.04
N ARG B 45 12.77 24.23 -9.80
CA ARG B 45 13.84 23.27 -9.56
C ARG B 45 13.35 21.88 -9.95
N GLU B 46 14.13 21.18 -10.76
CA GLU B 46 13.65 19.93 -11.30
C GLU B 46 14.62 18.80 -11.04
N PHE B 47 14.07 17.59 -11.14
CA PHE B 47 14.84 16.40 -10.92
C PHE B 47 15.63 16.06 -12.18
N VAL B 48 16.86 15.58 -12.00
CA VAL B 48 17.67 15.17 -13.14
C VAL B 48 18.00 13.68 -13.12
N ALA B 49 18.60 13.21 -12.03
CA ALA B 49 19.00 11.81 -11.95
C ALA B 49 19.20 11.45 -10.50
N ALA B 50 19.05 10.17 -10.20
CA ALA B 50 19.22 9.72 -8.83
C ALA B 50 19.81 8.32 -8.86
N ILE B 51 20.46 7.96 -7.77
CA ILE B 51 21.09 6.66 -7.63
C ILE B 51 20.90 6.19 -6.20
N SER B 52 20.61 4.89 -6.05
CA SER B 52 20.42 4.31 -4.73
C SER B 52 21.74 4.35 -3.97
N TRP B 53 21.66 4.21 -2.64
CA TRP B 53 22.90 4.32 -1.85
C TRP B 53 23.89 3.21 -2.21
N SER B 54 23.38 2.02 -2.58
CA SER B 54 24.22 0.93 -3.06
C SER B 54 24.88 1.28 -4.39
N GLY B 55 24.15 1.98 -5.26
CA GLY B 55 24.51 2.12 -6.66
C GLY B 55 23.80 1.14 -7.56
N ASP B 56 22.95 0.27 -7.00
CA ASP B 56 22.31 -0.80 -7.77
C ASP B 56 21.12 -0.30 -8.58
N SER B 57 20.68 0.93 -8.36
CA SER B 57 19.49 1.42 -9.03
C SER B 57 19.71 2.88 -9.43
N THR B 58 19.28 3.24 -10.63
CA THR B 58 19.37 4.62 -11.10
C THR B 58 18.08 5.02 -11.78
N TYR B 59 17.81 6.31 -11.73
CA TYR B 59 16.59 6.93 -12.24
C TYR B 59 16.95 8.20 -12.99
N TYR B 60 16.28 8.47 -14.11
CA TYR B 60 16.69 9.63 -14.92
C TYR B 60 15.42 10.36 -15.34
N ALA B 61 15.50 11.69 -15.34
CA ALA B 61 14.42 12.47 -15.92
C ALA B 61 14.35 12.16 -17.42
N ASP B 62 13.13 12.11 -17.96
CA ASP B 62 13.00 11.69 -19.36
C ASP B 62 13.89 12.53 -20.30
N SER B 63 14.02 13.83 -20.02
CA SER B 63 14.74 14.72 -20.94
C SER B 63 16.24 14.48 -20.98
N VAL B 64 16.82 13.75 -20.01
CA VAL B 64 18.23 13.43 -20.01
C VAL B 64 18.53 11.95 -20.18
N LYS B 65 17.51 11.08 -20.20
CA LYS B 65 17.78 9.67 -20.32
C LYS B 65 18.52 9.42 -21.63
N GLY B 66 19.60 8.65 -21.54
CA GLY B 66 20.36 8.34 -22.72
C GLY B 66 21.52 9.28 -23.00
N ARG B 67 21.57 10.44 -22.34
CA ARG B 67 22.64 11.43 -22.49
C ARG B 67 23.44 11.64 -21.22
N PHE B 68 22.81 11.47 -20.05
CA PHE B 68 23.52 11.61 -18.78
C PHE B 68 23.64 10.24 -18.13
N THR B 69 24.66 10.10 -17.29
CA THR B 69 24.83 8.94 -16.42
C THR B 69 25.20 9.40 -15.01
N ILE B 70 24.50 8.85 -14.00
CA ILE B 70 24.83 9.12 -12.60
C ILE B 70 25.58 7.93 -12.03
N SER B 71 26.57 8.18 -11.18
CA SER B 71 27.31 7.08 -10.60
C SER B 71 27.86 7.52 -9.26
N ILE B 72 28.39 6.57 -8.51
CA ILE B 72 28.72 6.85 -7.13
C ILE B 72 30.01 6.16 -6.77
N ASP B 73 30.78 6.79 -5.88
CA ASP B 73 31.99 6.21 -5.30
C ASP B 73 31.80 6.26 -3.78
N LYS B 74 31.41 5.12 -3.20
CA LYS B 74 31.04 5.10 -1.79
C LYS B 74 32.25 5.30 -0.89
N ALA B 75 33.41 4.70 -1.25
CA ALA B 75 34.59 4.84 -0.43
C ALA B 75 34.94 6.30 -0.16
N LYS B 76 34.68 7.18 -1.13
CA LYS B 76 34.97 8.59 -0.98
C LYS B 76 33.71 9.45 -0.90
N ASN B 77 32.55 8.83 -0.76
CA ASN B 77 31.28 9.55 -0.55
C ASN B 77 31.01 10.59 -1.64
N THR B 78 31.22 10.20 -2.89
CA THR B 78 31.11 11.16 -3.98
C THR B 78 30.11 10.68 -5.03
N VAL B 79 29.30 11.60 -5.56
CA VAL B 79 28.33 11.31 -6.61
C VAL B 79 28.77 12.05 -7.88
N TYR B 80 28.69 11.37 -9.02
CA TYR B 80 29.12 11.94 -10.30
C TYR B 80 27.95 11.98 -11.24
N LEU B 81 27.86 13.05 -12.02
CA LEU B 81 26.94 13.14 -13.14
C LEU B 81 27.75 13.34 -14.43
N GLN B 82 27.79 12.32 -15.28
CA GLN B 82 28.46 12.41 -16.57
C GLN B 82 27.44 12.87 -17.61
N MET B 83 27.67 14.04 -18.18
CA MET B 83 26.73 14.63 -19.11
C MET B 83 27.32 14.58 -20.49
N ASN B 84 26.57 14.09 -21.46
CA ASN B 84 27.00 14.06 -22.85
C ASN B 84 25.92 14.67 -23.73
N SER B 85 26.29 14.93 -24.98
CA SER B 85 25.43 15.59 -25.97
C SER B 85 24.63 16.73 -25.36
N LEU B 86 25.35 17.58 -24.62
CA LEU B 86 24.70 18.68 -23.92
C LEU B 86 23.93 19.57 -24.89
N LYS B 87 22.77 20.07 -24.41
CA LYS B 87 21.82 20.91 -25.13
C LYS B 87 21.66 22.26 -24.43
N PRO B 88 21.37 23.32 -25.17
CA PRO B 88 21.09 24.61 -24.51
C PRO B 88 19.99 24.50 -23.46
N GLU B 89 19.01 23.62 -23.68
CA GLU B 89 17.96 23.28 -22.73
C GLU B 89 18.52 22.84 -21.38
N ASP B 90 19.74 22.34 -21.36
CA ASP B 90 20.37 21.87 -20.14
C ASP B 90 21.05 22.97 -19.34
N THR B 91 21.05 24.21 -19.82
CA THR B 91 21.70 25.27 -19.06
C THR B 91 20.92 25.54 -17.77
N ALA B 92 21.62 25.54 -16.64
CA ALA B 92 21.01 25.66 -15.32
C ALA B 92 22.10 25.56 -14.27
N VAL B 93 21.76 25.92 -13.02
CA VAL B 93 22.61 25.53 -11.87
C VAL B 93 22.27 24.10 -11.46
N TYR B 94 23.29 23.26 -11.23
CA TYR B 94 23.03 21.86 -10.87
C TYR B 94 23.36 21.64 -9.40
N TYR B 95 22.46 20.93 -8.70
CA TYR B 95 22.58 20.75 -7.26
C TYR B 95 22.57 19.27 -6.96
N CYS B 96 23.42 18.83 -6.04
N CYS B 96 23.40 18.89 -5.99
CA CYS B 96 23.32 17.48 -5.51
CA CYS B 96 23.39 17.56 -5.42
C CYS B 96 22.64 17.51 -4.14
C CYS B 96 22.62 17.54 -4.10
N ALA B 97 21.82 16.49 -3.88
CA ALA B 97 21.03 16.49 -2.66
C ALA B 97 20.53 15.07 -2.47
N ALA B 98 20.07 14.76 -1.27
CA ALA B 98 19.39 13.49 -1.07
C ALA B 98 18.22 13.39 -2.03
N ASP B 99 17.85 12.17 -2.44
CA ASP B 99 16.95 12.14 -3.59
C ASP B 99 15.49 12.45 -3.22
N HIS B 100 15.20 12.59 -1.92
CA HIS B 100 13.89 13.07 -1.46
C HIS B 100 13.86 14.58 -1.27
N ALA B 101 14.91 15.31 -1.71
CA ALA B 101 15.00 16.73 -1.39
C ALA B 101 13.76 17.51 -1.84
N LEU B 102 13.23 17.20 -3.02
CA LEU B 102 12.07 17.96 -3.49
C LEU B 102 10.79 17.41 -2.87
N VAL B 103 10.83 16.16 -2.42
CA VAL B 103 9.65 15.56 -1.82
C VAL B 103 9.30 16.28 -0.51
N VAL B 104 10.30 16.52 0.34
CA VAL B 104 10.07 17.18 1.62
C VAL B 104 9.99 18.70 1.50
N GLY B 105 10.34 19.25 0.34
CA GLY B 105 10.10 20.68 0.10
C GLY B 105 10.87 21.58 1.05
N GLY B 106 10.13 22.49 1.68
CA GLY B 106 10.75 23.57 2.43
C GLY B 106 11.50 23.13 3.65
N THR B 107 11.29 21.88 4.10
CA THR B 107 12.08 21.48 5.27
C THR B 107 13.46 20.94 4.91
N TYR B 108 13.79 20.77 3.63
CA TYR B 108 15.08 20.20 3.28
C TYR B 108 16.17 21.20 3.65
N ASN B 109 17.11 20.79 4.49
CA ASN B 109 18.05 21.75 5.06
C ASN B 109 19.46 21.70 4.47
N TYR B 110 19.67 21.05 3.33
CA TYR B 110 21.05 20.91 2.86
C TYR B 110 21.29 21.38 1.43
N TRP B 111 20.42 22.19 0.86
CA TRP B 111 20.68 22.74 -0.46
C TRP B 111 21.94 23.59 -0.40
N GLY B 112 22.84 23.36 -1.36
CA GLY B 112 24.05 24.15 -1.49
C GLY B 112 23.96 25.14 -2.62
N GLN B 113 25.09 25.83 -2.88
CA GLN B 113 25.10 26.79 -3.96
C GLN B 113 25.06 26.15 -5.34
N GLY B 114 25.44 24.88 -5.45
CA GLY B 114 25.40 24.22 -6.73
C GLY B 114 26.58 24.59 -7.63
N THR B 115 26.46 24.18 -8.89
CA THR B 115 27.52 24.41 -9.89
C THR B 115 26.85 24.74 -11.22
N GLN B 116 27.29 25.84 -11.82
CA GLN B 116 26.59 26.39 -12.97
C GLN B 116 27.05 25.67 -14.23
N VAL B 117 26.11 25.41 -15.13
CA VAL B 117 26.38 24.77 -16.41
C VAL B 117 25.76 25.61 -17.51
N THR B 118 26.58 26.10 -18.43
CA THR B 118 26.07 26.87 -19.56
C THR B 118 26.44 26.20 -20.88
N VAL B 119 25.43 25.96 -21.71
CA VAL B 119 25.61 25.26 -22.99
C VAL B 119 25.33 26.29 -24.08
N SER B 120 26.36 26.64 -24.86
CA SER B 120 26.24 27.56 -25.98
C SER B 120 25.59 26.89 -27.18
N SER B 121 25.15 27.70 -28.14
CA SER B 121 24.57 27.16 -29.35
C SER B 121 25.18 27.79 -30.61
C1 NAG C . 6.19 13.82 -11.51
C2 NAG C . 7.01 13.66 -12.80
C3 NAG C . 6.81 14.87 -13.71
C4 NAG C . 5.32 15.11 -13.95
C5 NAG C . 4.61 15.26 -12.60
C6 NAG C . 3.12 15.48 -12.71
C7 NAG C . 9.04 12.28 -12.58
C8 NAG C . 10.49 12.25 -12.18
N2 NAG C . 8.42 13.47 -12.48
O3 NAG C . 7.47 14.66 -14.95
O4 NAG C . 5.12 16.27 -14.76
O5 NAG C . 4.81 14.06 -11.83
O6 NAG C . 2.43 14.25 -12.90
O7 NAG C . 8.45 11.27 -12.97
S SCN D . -13.99 -3.77 2.94
C SCN D . -12.93 -3.04 1.75
N SCN D . -12.26 -2.56 0.91
S SCN E . 25.35 7.70 -0.22
C SCN E . 26.69 8.85 -0.57
N SCN E . 27.52 9.64 -0.87
NA NA F . 22.08 24.33 5.46
#